data_6YHU
#
_entry.id   6YHU
#
_cell.length_a   56.42
_cell.length_b   49.66
_cell.length_c   64.75
_cell.angle_alpha   90.0
_cell.angle_beta   106.413
_cell.angle_gamma   90.0
#
_symmetry.space_group_name_H-M   'P 1 21 1'
#
loop_
_entity.id
_entity.type
_entity.pdbx_description
1 polymer 'Replicase polyprotein 1a'
2 polymer 'Replicase polyprotein 1a'
3 water water
#
loop_
_entity_poly.entity_id
_entity_poly.type
_entity_poly.pdbx_seq_one_letter_code
_entity_poly.pdbx_strand_id
1 'polypeptide(L)' SKMSDVKCTSVVLLSVLQQLRVESSSKLWAQCVQLHNDILLAKDTTEAFEKMVSLLSVLLSMQGAVDINKL A,C
2 'polypeptide(L)'
;SEDKRAKVTSAMQTMLFTMLRKLDNDALNNIINNARDGCVPLNIIPLTTAAKLMVVIPDYNTYKNTCDGTTFTYASALWE
IQQVVDADSKIVQLSEISMDNSPNLAWPLIVTALRAN
;
B,D
#
# COMPACT_ATOMS: atom_id res chain seq x y z
N SER A 1 12.67 -2.56 9.58
CA SER A 1 11.54 -3.48 9.39
C SER A 1 10.22 -2.80 9.73
N LYS A 2 10.18 -2.10 10.85
CA LYS A 2 9.01 -1.32 11.23
C LYS A 2 8.84 -0.14 10.29
N MET A 3 9.95 0.29 9.70
CA MET A 3 9.95 1.44 8.80
C MET A 3 9.29 1.10 7.47
N SER A 4 9.54 -0.11 6.98
CA SER A 4 8.92 -0.55 5.73
C SER A 4 7.42 -0.73 5.91
N ASP A 5 7.02 -1.16 7.10
CA ASP A 5 5.61 -1.39 7.42
C ASP A 5 4.81 -0.08 7.41
N VAL A 6 5.34 0.95 8.04
CA VAL A 6 4.63 2.22 8.14
C VAL A 6 4.58 2.93 6.78
N LYS A 7 5.62 2.74 5.98
CA LYS A 7 5.64 3.31 4.64
C LYS A 7 4.66 2.57 3.74
N CYS A 8 4.58 1.25 3.91
CA CYS A 8 3.62 0.44 3.17
C CYS A 8 2.19 0.81 3.56
N THR A 9 1.99 1.10 4.84
CA THR A 9 0.68 1.47 5.36
C THR A 9 0.22 2.82 4.81
N SER A 10 1.17 3.75 4.68
CA SER A 10 0.85 5.09 4.20
C SER A 10 0.34 5.06 2.76
N VAL A 11 0.88 4.14 1.96
CA VAL A 11 0.41 3.95 0.59
C VAL A 11 -1.02 3.45 0.59
N VAL A 12 -1.31 2.50 1.48
CA VAL A 12 -2.65 1.96 1.65
C VAL A 12 -3.61 3.06 2.11
N LEU A 13 -3.16 3.87 3.06
CA LEU A 13 -3.98 4.93 3.61
C LEU A 13 -4.37 5.97 2.56
N LEU A 14 -3.42 6.32 1.69
CA LEU A 14 -3.70 7.26 0.62
C LEU A 14 -4.67 6.65 -0.39
N SER A 15 -4.54 5.35 -0.61
CA SER A 15 -5.41 4.64 -1.54
C SER A 15 -6.84 4.58 -1.02
N VAL A 16 -6.98 4.34 0.28
CA VAL A 16 -8.28 4.32 0.93
C VAL A 16 -8.95 5.69 0.79
N LEU A 17 -8.17 6.74 1.01
CA LEU A 17 -8.64 8.10 0.84
C LEU A 17 -9.01 8.37 -0.62
N GLN A 18 -8.21 7.82 -1.54
CA GLN A 18 -8.46 8.02 -2.97
C GLN A 18 -9.79 7.40 -3.40
N GLN A 19 -10.10 6.23 -2.86
CA GLN A 19 -11.36 5.55 -3.18
C GLN A 19 -12.54 6.22 -2.50
N LEU A 20 -12.25 7.11 -1.56
CA LEU A 20 -13.27 7.89 -0.87
C LEU A 20 -13.48 9.24 -1.55
N ARG A 21 -12.82 9.42 -2.70
CA ARG A 21 -12.99 10.58 -3.56
C ARG A 21 -12.48 11.87 -2.92
N VAL A 22 -11.38 11.76 -2.18
CA VAL A 22 -10.74 12.93 -1.57
C VAL A 22 -10.10 13.80 -2.65
N GLU A 23 -9.82 13.18 -3.81
CA GLU A 23 -9.31 13.93 -4.96
C GLU A 23 -10.27 15.04 -5.40
N SER A 24 -11.54 14.88 -5.06
CA SER A 24 -12.54 15.89 -5.36
C SER A 24 -12.28 17.18 -4.59
N SER A 25 -11.58 17.06 -3.46
CA SER A 25 -11.15 18.24 -2.72
C SER A 25 -9.68 18.49 -3.03
N SER A 26 -9.43 19.55 -3.80
CA SER A 26 -8.11 19.80 -4.36
C SER A 26 -7.05 20.07 -3.30
N LYS A 27 -7.37 20.96 -2.36
CA LYS A 27 -6.41 21.35 -1.33
C LYS A 27 -6.16 20.23 -0.33
N LEU A 28 -7.21 19.51 0.04
CA LEU A 28 -7.08 18.41 0.99
C LEU A 28 -6.27 17.26 0.40
N TRP A 29 -6.52 16.94 -0.86
CA TRP A 29 -5.79 15.87 -1.55
C TRP A 29 -4.30 16.19 -1.64
N ALA A 30 -4.00 17.44 -1.95
CA ALA A 30 -2.61 17.90 -2.02
C ALA A 30 -1.90 17.74 -0.68
N GLN A 31 -2.63 17.99 0.41
CA GLN A 31 -2.10 17.77 1.75
C GLN A 31 -1.77 16.30 1.96
N CYS A 32 -2.71 15.44 1.59
CA CYS A 32 -2.57 14.00 1.78
C CYS A 32 -1.39 13.43 0.99
N VAL A 33 -1.24 13.87 -0.26
CA VAL A 33 -0.15 13.42 -1.10
C VAL A 33 1.19 13.86 -0.53
N GLN A 34 1.23 15.09 -0.03
CA GLN A 34 2.44 15.63 0.58
C GLN A 34 2.85 14.85 1.83
N LEU A 35 1.87 14.54 2.67
CA LEU A 35 2.11 13.72 3.86
C LEU A 35 2.60 12.33 3.46
N HIS A 36 1.91 11.73 2.51
CA HIS A 36 2.28 10.43 1.97
C HIS A 36 3.71 10.42 1.42
N ASN A 37 4.06 11.47 0.68
CA ASN A 37 5.39 11.61 0.12
C ASN A 37 6.47 11.71 1.20
N ASP A 38 6.21 12.52 2.21
CA ASP A 38 7.18 12.73 3.28
C ASP A 38 7.38 11.48 4.14
N ILE A 39 6.34 10.67 4.26
CA ILE A 39 6.43 9.41 5.00
C ILE A 39 7.33 8.43 4.26
N LEU A 40 7.18 8.37 2.94
CA LEU A 40 8.01 7.50 2.13
C LEU A 40 9.48 7.94 2.15
N LEU A 41 9.70 9.24 2.29
CA LEU A 41 11.05 9.78 2.32
C LEU A 41 11.57 9.88 3.75
N ALA A 42 10.73 9.55 4.72
CA ALA A 42 11.08 9.68 6.14
C ALA A 42 12.24 8.76 6.51
N LYS A 43 13.24 9.35 7.14
CA LYS A 43 14.43 8.62 7.55
C LYS A 43 14.40 8.18 9.02
N ASP A 44 13.38 8.62 9.77
CA ASP A 44 13.27 8.25 11.17
C ASP A 44 11.80 8.12 11.59
N THR A 45 11.52 7.13 12.44
CA THR A 45 10.17 6.79 12.83
C THR A 45 9.40 7.94 13.48
N THR A 46 10.14 8.84 14.12
CA THR A 46 9.53 10.00 14.77
C THR A 46 8.83 10.89 13.75
N GLU A 47 9.51 11.15 12.63
CA GLU A 47 8.94 11.96 11.56
C GLU A 47 7.82 11.20 10.84
N ALA A 48 8.06 9.92 10.58
CA ALA A 48 7.11 9.09 9.84
C ALA A 48 5.78 8.94 10.56
N PHE A 49 5.84 8.61 11.84
CA PHE A 49 4.64 8.37 12.63
C PHE A 49 3.83 9.65 12.86
N GLU A 50 4.52 10.78 13.00
CA GLU A 50 3.86 12.05 13.21
C GLU A 50 3.04 12.45 11.98
N LYS A 51 3.62 12.24 10.80
CA LYS A 51 2.92 12.51 9.54
C LYS A 51 1.76 11.54 9.33
N MET A 52 1.94 10.31 9.81
CA MET A 52 0.90 9.29 9.70
C MET A 52 -0.31 9.65 10.55
N VAL A 53 -0.07 10.28 11.69
CA VAL A 53 -1.14 10.73 12.57
C VAL A 53 -2.03 11.74 11.85
N SER A 54 -1.41 12.68 11.16
CA SER A 54 -2.13 13.70 10.41
C SER A 54 -2.86 13.10 9.20
N LEU A 55 -2.19 12.20 8.49
CA LEU A 55 -2.79 11.56 7.32
C LEU A 55 -3.99 10.72 7.72
N LEU A 56 -3.84 9.95 8.80
CA LEU A 56 -4.93 9.10 9.29
C LEU A 56 -6.10 9.95 9.80
N SER A 57 -5.78 11.12 10.35
CA SER A 57 -6.80 12.00 10.90
C SER A 57 -7.77 12.47 9.84
N VAL A 58 -7.29 12.59 8.60
CA VAL A 58 -8.14 12.95 7.47
C VAL A 58 -9.23 11.90 7.28
N LEU A 59 -8.83 10.63 7.34
CA LEU A 59 -9.75 9.52 7.21
C LEU A 59 -10.76 9.49 8.36
N LEU A 60 -10.26 9.65 9.58
CA LEU A 60 -11.11 9.59 10.78
C LEU A 60 -12.03 10.79 10.87
N SER A 61 -11.69 11.87 10.17
CA SER A 61 -12.50 13.09 10.22
C SER A 61 -13.70 13.02 9.29
N MET A 62 -13.74 11.98 8.47
CA MET A 62 -14.83 11.83 7.50
C MET A 62 -15.96 10.97 8.05
N GLN A 63 -17.10 11.60 8.27
CA GLN A 63 -18.26 10.92 8.86
C GLN A 63 -18.75 9.76 8.00
N GLY A 64 -18.88 8.59 8.62
CA GLY A 64 -19.41 7.42 7.95
C GLY A 64 -18.47 6.81 6.92
N ALA A 65 -17.25 7.33 6.83
CA ALA A 65 -16.28 6.84 5.87
C ALA A 65 -15.78 5.45 6.27
N VAL A 66 -15.58 5.26 7.56
CA VAL A 66 -15.09 3.98 8.07
C VAL A 66 -16.13 3.32 8.97
N ASP A 67 -16.42 2.04 8.68
CA ASP A 67 -17.27 1.24 9.56
C ASP A 67 -16.62 1.21 10.94
N ILE A 68 -17.38 1.58 11.96
CA ILE A 68 -16.85 1.73 13.30
C ILE A 68 -16.42 0.38 13.88
N ASN A 69 -16.95 -0.70 13.33
CA ASN A 69 -16.62 -2.04 13.79
C ASN A 69 -15.21 -2.46 13.42
N LYS A 70 -14.63 -1.78 12.44
CA LYS A 70 -13.26 -2.08 11.99
C LYS A 70 -12.21 -1.44 12.88
N LEU A 71 -12.66 -0.51 13.73
CA LEU A 71 -11.75 0.18 14.65
C LEU A 71 -11.46 -0.68 15.87
N SER B 1 -19.64 -4.48 -11.14
CA SER B 1 -18.63 -4.46 -10.09
C SER B 1 -18.84 -3.30 -9.14
N GLU B 2 -20.08 -2.83 -9.06
CA GLU B 2 -20.42 -1.74 -8.15
C GLU B 2 -20.39 -2.23 -6.70
N ASP B 3 -20.96 -3.41 -6.47
CA ASP B 3 -20.92 -4.03 -5.15
C ASP B 3 -19.52 -4.58 -4.86
N LYS B 4 -18.78 -4.90 -5.92
CA LYS B 4 -17.44 -5.42 -5.77
C LYS B 4 -16.48 -4.33 -5.30
N ARG B 5 -16.67 -3.11 -5.79
CA ARG B 5 -15.86 -1.99 -5.36
C ARG B 5 -16.03 -1.70 -3.88
N ALA B 6 -17.19 -2.06 -3.35
CA ALA B 6 -17.50 -1.87 -1.95
C ALA B 6 -16.75 -2.90 -1.13
N LYS B 7 -16.80 -4.15 -1.57
CA LYS B 7 -16.09 -5.24 -0.90
C LYS B 7 -14.59 -4.97 -0.85
N VAL B 8 -14.06 -4.48 -1.97
CA VAL B 8 -12.64 -4.14 -2.06
C VAL B 8 -12.30 -3.01 -1.08
N THR B 9 -13.15 -1.98 -1.05
CA THR B 9 -12.97 -0.87 -0.13
C THR B 9 -13.01 -1.36 1.32
N SER B 10 -13.95 -2.27 1.60
CA SER B 10 -14.07 -2.84 2.94
C SER B 10 -12.85 -3.68 3.30
N ALA B 11 -12.42 -4.50 2.36
CA ALA B 11 -11.25 -5.36 2.56
C ALA B 11 -9.99 -4.53 2.76
N MET B 12 -9.85 -3.47 1.97
CA MET B 12 -8.68 -2.61 2.06
C MET B 12 -8.64 -1.87 3.40
N GLN B 13 -9.80 -1.46 3.88
CA GLN B 13 -9.89 -0.74 5.15
C GLN B 13 -9.61 -1.66 6.34
N THR B 14 -10.06 -2.91 6.26
CA THR B 14 -9.79 -3.89 7.30
C THR B 14 -8.29 -4.13 7.40
N MET B 15 -7.65 -4.31 6.25
CA MET B 15 -6.20 -4.50 6.20
C MET B 15 -5.47 -3.27 6.71
N LEU B 16 -6.00 -2.10 6.40
CA LEU B 16 -5.39 -0.84 6.81
C LEU B 16 -5.24 -0.73 8.33
N PHE B 17 -6.33 -0.97 9.05
CA PHE B 17 -6.31 -0.84 10.49
C PHE B 17 -5.58 -2.01 11.14
N THR B 18 -5.60 -3.17 10.48
CA THR B 18 -4.83 -4.31 10.95
C THR B 18 -3.33 -3.98 10.90
N MET B 19 -2.92 -3.35 9.81
CA MET B 19 -1.54 -2.89 9.66
C MET B 19 -1.21 -1.83 10.70
N LEU B 20 -2.13 -0.89 10.89
CA LEU B 20 -1.96 0.18 11.87
C LEU B 20 -1.81 -0.38 13.28
N ARG B 21 -2.65 -1.35 13.64
CA ARG B 21 -2.59 -1.96 14.95
C ARG B 21 -1.30 -2.75 15.14
N LYS B 22 -0.76 -3.28 14.04
CA LYS B 22 0.51 -4.01 14.10
C LYS B 22 1.67 -3.07 14.40
N LEU B 23 1.57 -1.84 13.90
CA LEU B 23 2.60 -0.83 14.12
C LEU B 23 2.75 -0.53 15.61
N ASP B 24 1.62 -0.61 16.34
CA ASP B 24 1.59 -0.39 17.77
C ASP B 24 2.21 0.96 18.16
N ASN B 25 1.73 2.02 17.50
CA ASN B 25 2.16 3.36 17.81
C ASN B 25 1.15 4.04 18.73
N ASP B 26 1.63 4.64 19.82
CA ASP B 26 0.75 5.22 20.83
C ASP B 26 -0.14 6.32 20.28
N ALA B 27 0.44 7.17 19.43
CA ALA B 27 -0.31 8.29 18.85
C ALA B 27 -1.41 7.80 17.93
N LEU B 28 -1.06 6.89 17.03
CA LEU B 28 -2.03 6.29 16.11
C LEU B 28 -3.11 5.54 16.89
N ASN B 29 -2.68 4.73 17.86
CA ASN B 29 -3.60 3.96 18.69
C ASN B 29 -4.60 4.83 19.44
N ASN B 30 -4.14 6.00 19.88
CA ASN B 30 -5.00 6.93 20.62
C ASN B 30 -6.14 7.48 19.77
N ILE B 31 -5.80 8.05 18.63
CA ILE B 31 -6.82 8.66 17.77
C ILE B 31 -7.76 7.62 17.17
N ILE B 32 -7.28 6.39 17.06
CA ILE B 32 -8.13 5.29 16.58
C ILE B 32 -9.18 4.93 17.63
N ASN B 33 -8.73 4.82 18.88
CA ASN B 33 -9.57 4.48 20.03
C ASN B 33 -10.63 5.53 20.28
N ASN B 34 -10.18 6.78 20.30
CA ASN B 34 -11.09 7.90 20.48
C ASN B 34 -12.14 7.89 19.39
N ALA B 35 -11.70 7.62 18.17
CA ALA B 35 -12.60 7.54 17.03
C ALA B 35 -13.63 6.42 17.20
N ARG B 36 -13.24 5.36 17.91
CA ARG B 36 -14.16 4.24 18.15
C ARG B 36 -15.24 4.64 19.16
N ASP B 37 -14.91 5.61 20.01
CA ASP B 37 -15.85 6.09 21.02
C ASP B 37 -16.61 7.33 20.54
N GLY B 38 -16.36 7.74 19.30
CA GLY B 38 -17.06 8.88 18.73
C GLY B 38 -16.29 10.18 18.90
N CYS B 39 -15.09 10.09 19.47
CA CYS B 39 -14.23 11.27 19.59
C CYS B 39 -13.34 11.33 18.36
N VAL B 40 -13.61 12.29 17.48
CA VAL B 40 -12.98 12.32 16.17
C VAL B 40 -12.51 13.73 15.82
N PRO B 41 -11.45 13.83 15.00
CA PRO B 41 -11.01 15.15 14.55
C PRO B 41 -12.05 15.77 13.61
N LEU B 42 -12.26 17.07 13.74
CA LEU B 42 -13.12 17.79 12.81
C LEU B 42 -12.33 18.11 11.55
N ASN B 43 -11.05 18.44 11.76
CA ASN B 43 -10.13 18.77 10.68
C ASN B 43 -8.86 17.93 10.80
N ILE B 44 -8.04 17.95 9.76
CA ILE B 44 -6.75 17.27 9.79
C ILE B 44 -5.94 17.73 11.01
N ILE B 45 -5.31 16.78 11.70
CA ILE B 45 -4.47 17.10 12.85
C ILE B 45 -3.28 17.94 12.39
N PRO B 46 -3.10 19.11 13.02
CA PRO B 46 -2.06 20.08 12.63
C PRO B 46 -0.65 19.53 12.71
N LEU B 47 0.17 19.86 11.71
CA LEU B 47 1.58 19.46 11.71
C LEU B 47 2.38 20.37 12.64
N THR B 48 2.08 21.67 12.58
CA THR B 48 2.79 22.67 13.37
C THR B 48 1.82 23.46 14.23
N THR B 49 2.34 24.18 15.21
CA THR B 49 1.52 24.97 16.13
C THR B 49 0.83 26.14 15.43
N ALA B 50 1.18 26.39 14.17
CA ALA B 50 0.52 27.40 13.37
C ALA B 50 -0.95 27.06 13.18
N ALA B 51 -1.21 25.84 12.73
CA ALA B 51 -2.57 25.36 12.56
C ALA B 51 -3.16 24.90 13.89
N LYS B 52 -4.48 24.95 13.99
CA LYS B 52 -5.19 24.60 15.22
C LYS B 52 -5.88 23.24 15.11
N LEU B 53 -5.95 22.52 16.22
CA LEU B 53 -6.65 21.24 16.27
C LEU B 53 -8.11 21.43 16.64
N MET B 54 -8.99 20.71 15.95
CA MET B 54 -10.42 20.71 16.31
C MET B 54 -10.92 19.28 16.45
N VAL B 55 -11.42 18.95 17.64
CA VAL B 55 -11.85 17.59 17.94
C VAL B 55 -13.28 17.57 18.51
N VAL B 56 -14.09 16.63 18.03
CA VAL B 56 -15.45 16.47 18.51
C VAL B 56 -15.49 15.69 19.83
N ILE B 57 -16.12 16.26 20.84
CA ILE B 57 -16.33 15.58 22.11
C ILE B 57 -17.80 15.21 22.26
N PRO B 58 -18.13 13.92 22.11
CA PRO B 58 -19.51 13.43 22.09
C PRO B 58 -20.25 13.55 23.43
N ASP B 59 -19.53 13.38 24.53
CA ASP B 59 -20.17 13.34 25.85
C ASP B 59 -19.22 13.76 26.96
N TYR B 60 -19.78 14.05 28.13
CA TYR B 60 -18.98 14.50 29.27
C TYR B 60 -17.94 13.49 29.70
N ASN B 61 -18.27 12.21 29.56
CA ASN B 61 -17.33 11.14 29.91
C ASN B 61 -16.05 11.23 29.08
N THR B 62 -16.20 11.50 27.80
CA THR B 62 -15.05 11.68 26.91
C THR B 62 -14.29 12.93 27.31
N TYR B 63 -15.01 14.00 27.60
CA TYR B 63 -14.39 15.25 28.05
C TYR B 63 -13.58 15.03 29.31
N LYS B 64 -14.18 14.36 30.29
CA LYS B 64 -13.50 14.10 31.56
C LYS B 64 -12.25 13.28 31.35
N ASN B 65 -12.30 12.34 30.41
CA ASN B 65 -11.14 11.51 30.10
C ASN B 65 -10.03 12.27 29.41
N THR B 66 -10.39 13.08 28.41
CA THR B 66 -9.39 13.75 27.59
C THR B 66 -9.06 15.19 28.00
N CYS B 67 -9.76 15.73 28.99
CA CYS B 67 -9.54 17.12 29.38
C CYS B 67 -9.33 17.29 30.86
N ASP B 68 -8.20 17.90 31.22
CA ASP B 68 -7.90 18.25 32.60
C ASP B 68 -7.44 19.70 32.65
N GLY B 69 -8.23 20.55 33.31
CA GLY B 69 -7.97 21.97 33.32
C GLY B 69 -8.04 22.54 31.91
N THR B 70 -6.97 23.20 31.50
CA THR B 70 -6.88 23.77 30.15
C THR B 70 -6.14 22.83 29.20
N THR B 71 -5.77 21.65 29.70
CA THR B 71 -5.00 20.69 28.92
C THR B 71 -5.87 19.62 28.27
N PHE B 72 -5.64 19.39 26.98
CA PHE B 72 -6.39 18.39 26.22
C PHE B 72 -5.45 17.29 25.73
N THR B 73 -5.68 16.06 26.16
CA THR B 73 -4.82 14.94 25.80
C THR B 73 -5.35 14.18 24.59
N TYR B 74 -4.60 14.23 23.50
CA TYR B 74 -5.02 13.61 22.25
C TYR B 74 -3.80 13.20 21.42
N ALA B 75 -3.93 12.10 20.69
CA ALA B 75 -2.86 11.57 19.83
C ALA B 75 -1.57 11.36 20.63
N SER B 76 -1.71 10.90 21.87
CA SER B 76 -0.59 10.72 22.79
C SER B 76 0.26 11.98 22.90
N ALA B 77 -0.42 13.12 22.93
CA ALA B 77 0.24 14.41 23.05
C ALA B 77 -0.64 15.39 23.82
N LEU B 78 -0.04 16.45 24.34
CA LEU B 78 -0.78 17.45 25.10
C LEU B 78 -1.11 18.66 24.24
N TRP B 79 -2.30 19.20 24.45
CA TRP B 79 -2.77 20.34 23.67
C TRP B 79 -3.37 21.40 24.59
N GLU B 80 -3.01 22.67 24.36
CA GLU B 80 -3.55 23.77 25.15
C GLU B 80 -4.87 24.23 24.54
N ILE B 81 -5.96 24.10 25.29
CA ILE B 81 -7.28 24.40 24.76
C ILE B 81 -7.48 25.90 24.55
N GLN B 82 -7.75 26.28 23.31
CA GLN B 82 -8.01 27.67 22.97
C GLN B 82 -9.46 28.07 23.22
N GLN B 83 -10.38 27.21 22.78
CA GLN B 83 -11.80 27.52 22.84
C GLN B 83 -12.65 26.25 22.82
N VAL B 84 -13.86 26.34 23.36
CA VAL B 84 -14.82 25.24 23.30
C VAL B 84 -16.20 25.77 22.88
N VAL B 85 -16.82 25.11 21.92
CA VAL B 85 -18.15 25.49 21.46
C VAL B 85 -19.10 24.29 21.51
N ASP B 86 -20.40 24.57 21.58
CA ASP B 86 -21.39 23.49 21.63
C ASP B 86 -21.96 23.16 20.26
N ALA B 87 -22.96 22.30 20.23
CA ALA B 87 -23.59 21.87 18.97
C ALA B 87 -24.31 23.03 18.28
N ASP B 88 -24.60 24.09 19.04
CA ASP B 88 -25.24 25.28 18.49
C ASP B 88 -24.19 26.30 18.06
N SER B 89 -22.92 25.89 18.13
CA SER B 89 -21.78 26.74 17.78
C SER B 89 -21.69 27.96 18.68
N LYS B 90 -22.18 27.83 19.91
CA LYS B 90 -22.08 28.88 20.90
C LYS B 90 -20.93 28.59 21.87
N ILE B 91 -20.20 29.63 22.24
CA ILE B 91 -19.00 29.50 23.07
C ILE B 91 -19.30 28.97 24.47
N VAL B 92 -18.56 27.93 24.86
CA VAL B 92 -18.72 27.32 26.17
C VAL B 92 -17.45 27.47 27.00
N GLN B 93 -17.59 28.01 28.20
CA GLN B 93 -16.46 28.11 29.13
C GLN B 93 -16.16 26.76 29.75
N LEU B 94 -14.89 26.49 30.02
CA LEU B 94 -14.46 25.22 30.60
C LEU B 94 -15.11 24.98 31.96
N SER B 95 -15.34 26.06 32.69
CA SER B 95 -15.94 25.96 34.02
C SER B 95 -17.41 25.54 33.94
N GLU B 96 -18.01 25.69 32.76
CA GLU B 96 -19.40 25.27 32.55
C GLU B 96 -19.51 23.76 32.37
N ILE B 97 -18.40 23.12 32.01
CA ILE B 97 -18.44 21.70 31.69
C ILE B 97 -18.16 20.91 32.96
N SER B 98 -19.20 20.26 33.46
CA SER B 98 -19.13 19.57 34.74
C SER B 98 -20.19 18.49 34.80
N MET B 99 -20.04 17.58 35.76
CA MET B 99 -21.00 16.50 35.98
C MET B 99 -22.43 17.01 36.10
N ASP B 100 -22.62 18.07 36.88
CA ASP B 100 -23.94 18.62 37.14
C ASP B 100 -24.50 19.42 35.96
N ASN B 101 -23.65 20.22 35.33
CA ASN B 101 -24.11 21.16 34.31
C ASN B 101 -24.17 20.57 32.89
N SER B 102 -23.60 19.39 32.70
CA SER B 102 -23.54 18.76 31.38
C SER B 102 -24.92 18.51 30.72
N PRO B 103 -25.96 18.14 31.49
CA PRO B 103 -27.24 17.96 30.79
C PRO B 103 -27.79 19.24 30.17
N ASN B 104 -27.37 20.40 30.67
CA ASN B 104 -27.84 21.66 30.13
C ASN B 104 -27.01 22.14 28.94
N LEU B 105 -25.86 21.49 28.73
CA LEU B 105 -25.01 21.78 27.59
C LEU B 105 -25.53 21.10 26.33
N ALA B 106 -25.24 21.70 25.17
CA ALA B 106 -25.62 21.09 23.90
C ALA B 106 -24.47 20.26 23.35
N TRP B 107 -24.63 18.94 23.38
CA TRP B 107 -23.61 18.03 22.87
C TRP B 107 -23.87 17.71 21.41
N PRO B 108 -22.82 17.37 20.65
CA PRO B 108 -21.40 17.31 21.05
C PRO B 108 -20.73 18.67 21.19
N LEU B 109 -19.59 18.70 21.87
CA LEU B 109 -18.79 19.91 22.00
C LEU B 109 -17.56 19.80 21.09
N ILE B 110 -17.11 20.93 20.57
CA ILE B 110 -15.93 20.96 19.72
C ILE B 110 -14.80 21.69 20.42
N VAL B 111 -13.70 20.98 20.66
CA VAL B 111 -12.54 21.56 21.33
C VAL B 111 -11.50 22.07 20.32
N THR B 112 -11.10 23.32 20.47
CA THR B 112 -10.04 23.89 19.66
C THR B 112 -8.79 24.04 20.51
N ALA B 113 -7.65 23.58 19.99
CA ALA B 113 -6.41 23.57 20.78
C ALA B 113 -5.15 23.67 19.93
N LEU B 114 -4.06 24.08 20.59
CA LEU B 114 -2.75 24.12 19.97
C LEU B 114 -1.83 23.10 20.66
N ARG B 115 -0.88 22.54 19.91
CA ARG B 115 0.01 21.51 20.45
C ARG B 115 0.88 22.07 21.57
N ALA B 116 0.84 21.42 22.74
CA ALA B 116 1.63 21.84 23.89
C ALA B 116 2.93 21.06 24.06
N ASN B 117 3.12 20.03 23.23
CA ASN B 117 4.35 19.24 23.29
C ASN B 117 4.56 18.39 22.03
N SER C 1 -1.42 -12.95 9.98
CA SER C 1 -0.62 -11.73 9.99
C SER C 1 0.07 -11.52 8.64
N LYS C 2 0.47 -12.61 8.01
CA LYS C 2 1.12 -12.54 6.71
C LYS C 2 0.11 -12.17 5.64
N MET C 3 -1.16 -12.45 5.92
CA MET C 3 -2.25 -12.14 5.01
C MET C 3 -2.41 -10.64 4.82
N SER C 4 -2.29 -9.89 5.92
CA SER C 4 -2.40 -8.44 5.87
C SER C 4 -1.16 -7.83 5.24
N ASP C 5 -0.04 -8.53 5.34
CA ASP C 5 1.21 -8.07 4.76
C ASP C 5 1.18 -8.13 3.23
N VAL C 6 0.67 -9.25 2.70
CA VAL C 6 0.64 -9.45 1.25
C VAL C 6 -0.41 -8.57 0.59
N LYS C 7 -1.48 -8.25 1.33
CA LYS C 7 -2.52 -7.37 0.81
C LYS C 7 -2.02 -5.93 0.78
N CYS C 8 -1.23 -5.57 1.79
CA CYS C 8 -0.60 -4.25 1.84
C CYS C 8 0.38 -4.08 0.70
N THR C 9 1.13 -5.14 0.41
CA THR C 9 2.12 -5.12 -0.66
C THR C 9 1.47 -4.96 -2.02
N SER C 10 0.29 -5.55 -2.19
CA SER C 10 -0.44 -5.48 -3.46
C SER C 10 -0.87 -4.05 -3.77
N VAL C 11 -1.23 -3.31 -2.73
CA VAL C 11 -1.59 -1.90 -2.90
C VAL C 11 -0.38 -1.09 -3.33
N VAL C 12 0.76 -1.37 -2.69
CA VAL C 12 2.01 -0.71 -3.03
C VAL C 12 2.44 -1.07 -4.45
N LEU C 13 2.27 -2.34 -4.80
CA LEU C 13 2.66 -2.83 -6.13
C LEU C 13 1.84 -2.15 -7.23
N LEU C 14 0.54 -1.99 -7.00
CA LEU C 14 -0.32 -1.32 -7.96
C LEU C 14 0.04 0.17 -8.06
N SER C 15 0.42 0.75 -6.92
CA SER C 15 0.82 2.16 -6.90
C SER C 15 2.12 2.37 -7.65
N VAL C 16 3.05 1.45 -7.51
CA VAL C 16 4.31 1.49 -8.26
C VAL C 16 4.03 1.42 -9.76
N LEU C 17 3.12 0.53 -10.15
CA LEU C 17 2.72 0.40 -11.54
C LEU C 17 2.03 1.67 -12.03
N GLN C 18 1.22 2.28 -11.17
CA GLN C 18 0.51 3.50 -11.54
C GLN C 18 1.47 4.64 -11.84
N GLN C 19 2.51 4.78 -11.02
CA GLN C 19 3.51 5.82 -11.20
C GLN C 19 4.35 5.58 -12.45
N LEU C 20 4.33 4.35 -12.94
CA LEU C 20 5.07 3.98 -14.14
C LEU C 20 4.21 4.13 -15.40
N ARG C 21 3.03 4.72 -15.21
CA ARG C 21 2.11 5.06 -16.31
C ARG C 21 1.52 3.84 -17.00
N VAL C 22 1.21 2.80 -16.23
CA VAL C 22 0.60 1.59 -16.78
C VAL C 22 -0.84 1.86 -17.19
N GLU C 23 -1.47 2.85 -16.55
CA GLU C 23 -2.82 3.28 -16.93
C GLU C 23 -2.90 3.65 -18.40
N SER C 24 -1.79 4.14 -18.96
CA SER C 24 -1.72 4.49 -20.37
C SER C 24 -2.01 3.29 -21.27
N SER C 25 -1.77 2.09 -20.76
CA SER C 25 -2.17 0.87 -21.46
C SER C 25 -3.45 0.37 -20.81
N SER C 26 -4.57 0.54 -21.52
CA SER C 26 -5.90 0.32 -20.97
C SER C 26 -6.15 -1.14 -20.60
N LYS C 27 -5.80 -2.04 -21.51
CA LYS C 27 -5.94 -3.46 -21.29
C LYS C 27 -5.14 -3.95 -20.09
N LEU C 28 -3.85 -3.60 -20.07
CA LEU C 28 -2.94 -4.05 -19.04
C LEU C 28 -3.34 -3.54 -17.66
N TRP C 29 -3.66 -2.25 -17.57
CA TRP C 29 -4.04 -1.63 -16.30
C TRP C 29 -5.24 -2.30 -15.67
N ALA C 30 -6.24 -2.62 -16.49
CA ALA C 30 -7.45 -3.27 -16.02
C ALA C 30 -7.15 -4.64 -15.42
N GLN C 31 -6.21 -5.35 -16.03
CA GLN C 31 -5.78 -6.65 -15.52
C GLN C 31 -5.08 -6.48 -14.18
N CYS C 32 -4.29 -5.42 -14.06
CA CYS C 32 -3.59 -5.13 -12.82
C CYS C 32 -4.56 -4.82 -11.69
N VAL C 33 -5.59 -4.04 -12.00
CA VAL C 33 -6.60 -3.68 -11.01
C VAL C 33 -7.37 -4.90 -10.52
N GLN C 34 -7.77 -5.76 -11.46
CA GLN C 34 -8.51 -6.97 -11.12
C GLN C 34 -7.68 -7.91 -10.25
N LEU C 35 -6.40 -8.07 -10.58
CA LEU C 35 -5.49 -8.87 -9.78
C LEU C 35 -5.36 -8.25 -8.39
N HIS C 36 -5.14 -6.95 -8.36
CA HIS C 36 -5.07 -6.18 -7.12
C HIS C 36 -6.33 -6.38 -6.27
N ASN C 37 -7.49 -6.40 -6.92
CA ASN C 37 -8.75 -6.62 -6.23
C ASN C 37 -8.89 -8.06 -5.72
N ASP C 38 -8.52 -9.02 -6.55
CA ASP C 38 -8.57 -10.43 -6.17
C ASP C 38 -7.72 -10.71 -4.94
N ILE C 39 -6.57 -10.04 -4.86
CA ILE C 39 -5.67 -10.19 -3.72
C ILE C 39 -6.32 -9.68 -2.43
N LEU C 40 -6.90 -8.49 -2.51
CA LEU C 40 -7.58 -7.89 -1.36
C LEU C 40 -8.77 -8.74 -0.90
N LEU C 41 -9.42 -9.40 -1.85
CA LEU C 41 -10.60 -10.21 -1.54
C LEU C 41 -10.27 -11.67 -1.32
N ALA C 42 -8.98 -12.01 -1.36
CA ALA C 42 -8.55 -13.39 -1.14
C ALA C 42 -8.83 -13.82 0.29
N LYS C 43 -9.42 -15.00 0.45
CA LYS C 43 -9.63 -15.57 1.78
C LYS C 43 -8.48 -16.49 2.16
N ASP C 44 -7.61 -16.76 1.17
CA ASP C 44 -6.56 -17.76 1.33
C ASP C 44 -5.19 -17.20 0.96
N THR C 45 -4.19 -17.49 1.78
CA THR C 45 -2.84 -16.97 1.58
C THR C 45 -2.21 -17.47 0.29
N THR C 46 -2.58 -18.68 -0.13
CA THR C 46 -2.04 -19.27 -1.35
C THR C 46 -2.56 -18.54 -2.58
N GLU C 47 -3.85 -18.22 -2.57
CA GLU C 47 -4.45 -17.48 -3.69
C GLU C 47 -3.83 -16.09 -3.80
N ALA C 48 -3.58 -15.47 -2.66
CA ALA C 48 -3.00 -14.13 -2.62
C ALA C 48 -1.62 -14.11 -3.28
N PHE C 49 -0.79 -15.08 -2.92
CA PHE C 49 0.57 -15.17 -3.45
C PHE C 49 0.56 -15.48 -4.95
N GLU C 50 -0.35 -16.34 -5.38
CA GLU C 50 -0.47 -16.69 -6.79
C GLU C 50 -0.84 -15.47 -7.63
N LYS C 51 -1.80 -14.70 -7.14
CA LYS C 51 -2.22 -13.47 -7.82
C LYS C 51 -1.10 -12.44 -7.80
N MET C 52 -0.31 -12.45 -6.72
CA MET C 52 0.83 -11.54 -6.61
C MET C 52 1.91 -11.88 -7.63
N VAL C 53 2.02 -13.15 -7.99
CA VAL C 53 2.97 -13.57 -9.01
C VAL C 53 2.62 -12.94 -10.35
N SER C 54 1.33 -12.99 -10.70
CA SER C 54 0.85 -12.41 -11.94
C SER C 54 1.04 -10.89 -11.96
N LEU C 55 0.67 -10.24 -10.87
CA LEU C 55 0.74 -8.79 -10.76
C LEU C 55 2.19 -8.29 -10.81
N LEU C 56 3.06 -8.94 -10.06
CA LEU C 56 4.47 -8.55 -10.01
C LEU C 56 5.15 -8.78 -11.37
N SER C 57 4.68 -9.77 -12.11
CA SER C 57 5.26 -10.10 -13.40
C SER C 57 5.10 -8.95 -14.40
N VAL C 58 4.05 -8.16 -14.22
CA VAL C 58 3.84 -6.98 -15.04
C VAL C 58 4.98 -5.99 -14.82
N LEU C 59 5.34 -5.79 -13.54
CA LEU C 59 6.42 -4.90 -13.18
C LEU C 59 7.77 -5.39 -13.73
N LEU C 60 8.01 -6.69 -13.58
CA LEU C 60 9.27 -7.29 -14.02
C LEU C 60 9.42 -7.29 -15.53
N SER C 61 8.28 -7.33 -16.23
CA SER C 61 8.29 -7.37 -17.69
C SER C 61 8.72 -6.02 -18.27
N MET C 62 8.59 -4.96 -17.47
CA MET C 62 8.95 -3.63 -17.93
C MET C 62 10.46 -3.41 -17.76
N GLN C 63 11.14 -3.20 -18.88
CA GLN C 63 12.59 -3.37 -18.96
C GLN C 63 13.40 -2.44 -18.06
N GLY C 64 13.25 -1.13 -18.26
CA GLY C 64 14.06 -0.16 -17.53
C GLY C 64 13.28 0.57 -16.46
N ALA C 65 12.09 0.07 -16.14
CA ALA C 65 11.20 0.72 -15.19
C ALA C 65 11.74 0.68 -13.77
N VAL C 66 12.32 -0.45 -13.39
CA VAL C 66 12.82 -0.63 -12.03
C VAL C 66 14.34 -0.80 -11.99
N ASP C 67 14.98 -0.03 -11.13
CA ASP C 67 16.43 -0.11 -10.95
C ASP C 67 16.80 -1.49 -10.41
N ILE C 68 17.82 -2.08 -11.02
CA ILE C 68 18.19 -3.47 -10.74
C ILE C 68 18.70 -3.70 -9.31
N ASN C 69 19.25 -2.67 -8.70
CA ASN C 69 19.79 -2.81 -7.35
C ASN C 69 18.69 -2.99 -6.30
N LYS C 70 17.49 -2.50 -6.62
CA LYS C 70 16.37 -2.60 -5.69
C LYS C 70 15.91 -4.05 -5.56
N LEU C 71 16.09 -4.82 -6.62
CA LEU C 71 15.72 -6.24 -6.62
C LEU C 71 16.57 -7.02 -5.64
N SER D 1 21.56 14.69 -9.07
CA SER D 1 20.50 15.27 -8.24
C SER D 1 19.12 14.80 -8.71
N GLU D 2 18.43 14.07 -7.85
CA GLU D 2 17.08 13.59 -8.16
C GLU D 2 16.04 14.53 -7.57
N ASP D 3 14.97 14.80 -8.31
CA ASP D 3 13.89 15.62 -7.77
C ASP D 3 13.05 14.79 -6.82
N LYS D 4 12.04 15.41 -6.22
CA LYS D 4 11.26 14.75 -5.18
C LYS D 4 10.46 13.57 -5.72
N ARG D 5 10.02 13.68 -6.98
CA ARG D 5 9.30 12.59 -7.62
C ARG D 5 10.16 11.34 -7.74
N ALA D 6 11.41 11.53 -8.17
CA ALA D 6 12.34 10.43 -8.31
C ALA D 6 12.65 9.79 -6.96
N LYS D 7 12.83 10.63 -5.95
CA LYS D 7 13.13 10.16 -4.60
C LYS D 7 11.97 9.36 -4.01
N VAL D 8 10.75 9.86 -4.19
CA VAL D 8 9.55 9.18 -3.70
C VAL D 8 9.35 7.86 -4.43
N THR D 9 9.56 7.87 -5.74
CA THR D 9 9.48 6.66 -6.55
C THR D 9 10.48 5.62 -6.07
N SER D 10 11.72 6.06 -5.87
CA SER D 10 12.79 5.18 -5.41
C SER D 10 12.47 4.60 -4.03
N ALA D 11 11.93 5.43 -3.15
CA ALA D 11 11.58 5.01 -1.80
C ALA D 11 10.46 3.98 -1.83
N MET D 12 9.47 4.19 -2.69
CA MET D 12 8.33 3.29 -2.78
C MET D 12 8.74 1.94 -3.35
N GLN D 13 9.59 1.96 -4.38
CA GLN D 13 10.05 0.73 -5.00
C GLN D 13 10.96 -0.05 -4.06
N THR D 14 11.80 0.66 -3.32
CA THR D 14 12.66 0.04 -2.32
C THR D 14 11.82 -0.64 -1.24
N MET D 15 10.81 0.07 -0.75
CA MET D 15 9.90 -0.46 0.24
C MET D 15 9.14 -1.67 -0.30
N LEU D 16 8.79 -1.62 -1.59
CA LEU D 16 8.06 -2.69 -2.24
C LEU D 16 8.81 -4.02 -2.18
N PHE D 17 10.06 -4.01 -2.59
CA PHE D 17 10.85 -5.25 -2.64
C PHE D 17 11.33 -5.67 -1.26
N THR D 18 11.39 -4.71 -0.34
CA THR D 18 11.67 -5.03 1.06
C THR D 18 10.50 -5.82 1.65
N MET D 19 9.28 -5.37 1.33
CA MET D 19 8.08 -6.08 1.76
C MET D 19 7.99 -7.44 1.08
N LEU D 20 8.33 -7.49 -0.20
CA LEU D 20 8.32 -8.74 -0.96
C LEU D 20 9.30 -9.74 -0.37
N ARG D 21 10.45 -9.24 0.08
CA ARG D 21 11.45 -10.08 0.73
C ARG D 21 10.94 -10.61 2.07
N LYS D 22 10.13 -9.82 2.76
CA LYS D 22 9.54 -10.24 4.03
C LYS D 22 8.59 -11.40 3.83
N LEU D 23 7.78 -11.33 2.79
CA LEU D 23 6.81 -12.38 2.47
C LEU D 23 7.52 -13.72 2.27
N ASP D 24 8.71 -13.66 1.66
CA ASP D 24 9.55 -14.83 1.45
C ASP D 24 8.79 -15.97 0.78
N ASN D 25 8.06 -15.63 -0.29
CA ASN D 25 7.36 -16.63 -1.08
C ASN D 25 8.28 -17.16 -2.18
N ASP D 26 8.34 -18.48 -2.31
CA ASP D 26 9.25 -19.13 -3.25
C ASP D 26 9.03 -18.67 -4.69
N ALA D 27 7.77 -18.58 -5.10
CA ALA D 27 7.43 -18.19 -6.46
C ALA D 27 7.83 -16.75 -6.74
N LEU D 28 7.50 -15.86 -5.81
CA LEU D 28 7.85 -14.45 -5.94
C LEU D 28 9.37 -14.27 -5.96
N ASN D 29 10.05 -14.96 -5.06
CA ASN D 29 11.50 -14.89 -4.99
C ASN D 29 12.15 -15.38 -6.28
N ASN D 30 11.57 -16.42 -6.88
CA ASN D 30 12.10 -16.98 -8.12
C ASN D 30 12.04 -16.00 -9.29
N ILE D 31 10.89 -15.36 -9.48
CA ILE D 31 10.73 -14.46 -10.61
C ILE D 31 11.51 -13.16 -10.41
N ILE D 32 11.71 -12.78 -9.16
CA ILE D 32 12.52 -11.61 -8.85
C ILE D 32 14.00 -11.90 -9.12
N ASN D 33 14.48 -13.03 -8.62
CA ASN D 33 15.87 -13.45 -8.83
C ASN D 33 16.18 -13.63 -10.32
N ASN D 34 15.24 -14.21 -11.05
CA ASN D 34 15.40 -14.39 -12.49
C ASN D 34 15.50 -13.05 -13.21
N ALA D 35 14.73 -12.07 -12.73
CA ALA D 35 14.70 -10.75 -13.35
C ALA D 35 16.04 -10.02 -13.18
N ARG D 36 16.72 -10.28 -12.07
CA ARG D 36 18.02 -9.68 -11.82
C ARG D 36 19.03 -10.05 -12.90
N ASP D 37 18.92 -11.29 -13.38
CA ASP D 37 19.88 -11.83 -14.35
C ASP D 37 19.40 -11.65 -15.78
N GLY D 38 18.27 -10.98 -15.95
CA GLY D 38 17.77 -10.68 -17.28
C GLY D 38 16.79 -11.71 -17.81
N CYS D 39 16.37 -12.62 -16.95
CA CYS D 39 15.33 -13.58 -17.32
C CYS D 39 13.98 -13.03 -16.88
N VAL D 40 13.18 -12.62 -17.86
CA VAL D 40 11.96 -11.86 -17.57
C VAL D 40 10.78 -12.33 -18.42
N PRO D 41 9.56 -12.24 -17.87
CA PRO D 41 8.37 -12.61 -18.64
C PRO D 41 8.03 -11.55 -19.68
N LEU D 42 7.53 -11.97 -20.84
CA LEU D 42 7.09 -11.02 -21.86
C LEU D 42 5.60 -10.75 -21.73
N ASN D 43 4.92 -11.53 -20.90
CA ASN D 43 3.51 -11.32 -20.62
C ASN D 43 3.20 -11.64 -19.16
N ILE D 44 1.94 -11.47 -18.78
CA ILE D 44 1.52 -11.76 -17.41
C ILE D 44 1.56 -13.26 -17.16
N ILE D 45 2.23 -13.66 -16.08
CA ILE D 45 2.30 -15.08 -15.73
C ILE D 45 0.92 -15.60 -15.38
N PRO D 46 0.41 -16.54 -16.19
CA PRO D 46 -0.91 -17.13 -15.98
C PRO D 46 -0.92 -18.17 -14.87
N LEU D 47 -2.04 -18.24 -14.14
CA LEU D 47 -2.17 -19.18 -13.03
C LEU D 47 -2.93 -20.45 -13.43
N THR D 48 -3.33 -20.54 -14.69
CA THR D 48 -4.22 -21.62 -15.12
C THR D 48 -3.49 -22.69 -15.93
N THR D 49 -3.94 -23.94 -15.78
CA THR D 49 -3.35 -25.07 -16.50
C THR D 49 -3.43 -24.88 -18.00
N ALA D 50 -2.34 -25.21 -18.70
CA ALA D 50 -2.23 -25.15 -20.16
C ALA D 50 -2.14 -23.72 -20.71
N ALA D 51 -2.20 -22.73 -19.81
CA ALA D 51 -2.10 -21.35 -20.22
C ALA D 51 -0.69 -21.00 -20.70
N LYS D 52 -0.61 -20.07 -21.65
CA LYS D 52 0.65 -19.76 -22.32
C LYS D 52 1.49 -18.72 -21.56
N LEU D 53 2.80 -18.95 -21.54
CA LEU D 53 3.75 -18.04 -20.92
C LEU D 53 4.95 -17.81 -21.84
N MET D 54 5.40 -16.56 -21.94
CA MET D 54 6.59 -16.25 -22.74
C MET D 54 7.67 -15.61 -21.86
N VAL D 55 8.85 -16.22 -21.86
CA VAL D 55 9.95 -15.75 -21.02
C VAL D 55 11.23 -15.56 -21.83
N VAL D 56 11.97 -14.50 -21.53
CA VAL D 56 13.26 -14.25 -22.19
C VAL D 56 14.40 -15.01 -21.51
N ILE D 57 15.16 -15.76 -22.29
CA ILE D 57 16.35 -16.43 -21.78
C ILE D 57 17.60 -15.76 -22.34
N PRO D 58 18.33 -15.03 -21.49
CA PRO D 58 19.47 -14.20 -21.91
C PRO D 58 20.68 -15.00 -22.39
N ASP D 59 20.96 -16.14 -21.75
CA ASP D 59 22.15 -16.90 -22.09
C ASP D 59 22.00 -18.40 -21.83
N TYR D 60 23.05 -19.16 -22.15
CA TYR D 60 23.02 -20.61 -22.03
C TYR D 60 22.99 -21.07 -20.58
N ASN D 61 23.66 -20.32 -19.71
CA ASN D 61 23.69 -20.65 -18.30
C ASN D 61 22.30 -20.56 -17.67
N THR D 62 21.55 -19.54 -18.08
CA THR D 62 20.17 -19.38 -17.62
C THR D 62 19.29 -20.50 -18.16
N TYR D 63 19.52 -20.87 -19.42
CA TYR D 63 18.78 -21.96 -20.05
C TYR D 63 19.01 -23.27 -19.31
N LYS D 64 20.25 -23.55 -18.96
CA LYS D 64 20.59 -24.78 -18.24
C LYS D 64 20.00 -24.78 -16.84
N ASN D 65 19.87 -23.60 -16.24
CA ASN D 65 19.30 -23.48 -14.91
C ASN D 65 17.80 -23.75 -14.91
N THR D 66 17.09 -23.20 -15.89
CA THR D 66 15.64 -23.28 -15.93
C THR D 66 15.03 -24.35 -16.85
N CYS D 67 15.86 -25.05 -17.60
CA CYS D 67 15.32 -25.98 -18.60
C CYS D 67 15.97 -27.37 -18.55
N ASP D 68 15.12 -28.39 -18.46
CA ASP D 68 15.56 -29.78 -18.59
C ASP D 68 14.62 -30.52 -19.53
N GLY D 69 15.15 -30.96 -20.67
CA GLY D 69 14.33 -31.59 -21.68
C GLY D 69 13.33 -30.61 -22.26
N THR D 70 12.05 -31.00 -22.25
CA THR D 70 10.98 -30.14 -22.73
C THR D 70 10.33 -29.36 -21.59
N THR D 71 10.88 -29.51 -20.39
CA THR D 71 10.30 -28.88 -19.20
C THR D 71 11.01 -27.59 -18.82
N PHE D 72 10.22 -26.53 -18.62
CA PHE D 72 10.73 -25.24 -18.19
C PHE D 72 10.23 -24.94 -16.78
N THR D 73 11.16 -24.72 -15.85
CA THR D 73 10.79 -24.48 -14.46
C THR D 73 10.89 -23.00 -14.11
N TYR D 74 9.75 -22.40 -13.78
CA TYR D 74 9.68 -20.96 -13.53
C TYR D 74 8.53 -20.65 -12.58
N ALA D 75 8.71 -19.63 -11.75
CA ALA D 75 7.70 -19.21 -10.78
C ALA D 75 7.21 -20.38 -9.92
N SER D 76 8.14 -21.23 -9.50
CA SER D 76 7.84 -22.40 -8.67
C SER D 76 6.84 -23.34 -9.33
N ALA D 77 6.80 -23.34 -10.67
CA ALA D 77 5.87 -24.19 -11.40
C ALA D 77 6.56 -24.85 -12.58
N LEU D 78 5.95 -25.92 -13.08
CA LEU D 78 6.46 -26.61 -14.25
C LEU D 78 5.76 -26.11 -15.51
N TRP D 79 6.52 -25.92 -16.57
CA TRP D 79 5.98 -25.44 -17.83
C TRP D 79 6.47 -26.31 -18.98
N GLU D 80 5.56 -26.71 -19.85
CA GLU D 80 5.90 -27.53 -21.01
C GLU D 80 6.22 -26.64 -22.21
N ILE D 81 7.46 -26.70 -22.67
CA ILE D 81 7.91 -25.79 -23.73
C ILE D 81 7.26 -26.13 -25.06
N GLN D 82 6.51 -25.16 -25.60
CA GLN D 82 5.91 -25.31 -26.92
C GLN D 82 6.85 -24.90 -28.05
N GLN D 83 7.55 -23.79 -27.87
CA GLN D 83 8.38 -23.23 -28.93
C GLN D 83 9.51 -22.37 -28.38
N VAL D 84 10.60 -22.29 -29.14
CA VAL D 84 11.73 -21.43 -28.80
C VAL D 84 12.18 -20.65 -30.04
N VAL D 85 12.30 -19.33 -29.91
CA VAL D 85 12.76 -18.50 -31.01
C VAL D 85 14.00 -17.71 -30.61
N ASP D 86 14.79 -17.29 -31.60
CA ASP D 86 15.99 -16.51 -31.32
C ASP D 86 15.72 -15.01 -31.47
N ALA D 87 16.78 -14.22 -31.37
CA ALA D 87 16.67 -12.77 -31.47
C ALA D 87 16.21 -12.33 -32.87
N ASP D 88 16.38 -13.23 -33.83
CA ASP D 88 15.94 -12.97 -35.20
C ASP D 88 14.54 -13.51 -35.45
N SER D 89 13.92 -14.00 -34.37
CA SER D 89 12.55 -14.55 -34.40
C SER D 89 12.45 -15.80 -35.25
N LYS D 90 13.52 -16.59 -35.28
CA LYS D 90 13.50 -17.86 -36.02
C LYS D 90 13.46 -19.05 -35.07
N ILE D 91 12.72 -20.08 -35.47
CA ILE D 91 12.51 -21.26 -34.65
C ILE D 91 13.83 -21.95 -34.30
N VAL D 92 13.98 -22.28 -33.02
CA VAL D 92 15.17 -22.99 -32.55
C VAL D 92 14.77 -24.27 -31.82
N GLN D 93 15.25 -25.40 -32.30
CA GLN D 93 14.95 -26.68 -31.68
C GLN D 93 15.74 -26.82 -30.38
N LEU D 94 15.17 -27.56 -29.42
CA LEU D 94 15.82 -27.76 -28.13
C LEU D 94 17.16 -28.48 -28.29
N SER D 95 17.24 -29.33 -29.31
CA SER D 95 18.47 -30.06 -29.59
C SER D 95 19.57 -29.14 -30.11
N GLU D 96 19.18 -27.95 -30.55
CA GLU D 96 20.13 -26.96 -31.05
C GLU D 96 20.81 -26.21 -29.91
N ILE D 97 20.24 -26.30 -28.72
CA ILE D 97 20.79 -25.55 -27.59
C ILE D 97 21.65 -26.47 -26.75
N SER D 98 22.96 -26.27 -26.85
CA SER D 98 23.94 -27.11 -26.20
C SER D 98 25.25 -26.36 -26.04
N MET D 99 26.12 -26.88 -25.18
CA MET D 99 27.42 -26.25 -24.92
C MET D 99 28.19 -25.96 -26.20
N ASP D 100 28.17 -26.92 -27.12
CA ASP D 100 28.92 -26.80 -28.37
C ASP D 100 28.27 -25.80 -29.33
N ASN D 101 26.94 -25.85 -29.45
CA ASN D 101 26.24 -25.04 -30.44
C ASN D 101 25.75 -23.68 -29.92
N SER D 102 25.87 -23.47 -28.61
CA SER D 102 25.39 -22.23 -27.99
C SER D 102 25.94 -20.93 -28.61
N PRO D 103 27.26 -20.86 -28.89
CA PRO D 103 27.76 -19.61 -29.47
C PRO D 103 27.21 -19.31 -30.87
N ASN D 104 26.64 -20.31 -31.54
CA ASN D 104 26.11 -20.13 -32.89
C ASN D 104 24.64 -19.73 -32.89
N LEU D 105 24.06 -19.63 -31.70
CA LEU D 105 22.66 -19.22 -31.54
C LEU D 105 22.59 -17.72 -31.28
N ALA D 106 21.55 -17.08 -31.80
CA ALA D 106 21.40 -15.64 -31.59
C ALA D 106 20.57 -15.39 -30.34
N TRP D 107 21.24 -14.92 -29.29
CA TRP D 107 20.61 -14.65 -28.02
C TRP D 107 20.12 -13.20 -27.96
N PRO D 108 19.13 -12.91 -27.11
CA PRO D 108 18.40 -13.80 -26.21
C PRO D 108 17.34 -14.65 -26.90
N LEU D 109 17.15 -15.87 -26.41
CA LEU D 109 16.06 -16.73 -26.85
C LEU D 109 14.76 -16.37 -26.14
N ILE D 110 13.63 -16.65 -26.77
CA ILE D 110 12.33 -16.48 -26.13
C ILE D 110 11.61 -17.83 -26.05
N VAL D 111 11.28 -18.25 -24.84
CA VAL D 111 10.65 -19.55 -24.63
C VAL D 111 9.14 -19.42 -24.42
N THR D 112 8.38 -20.12 -25.26
CA THR D 112 6.93 -20.18 -25.11
C THR D 112 6.55 -21.53 -24.50
N ALA D 113 5.80 -21.51 -23.40
CA ALA D 113 5.48 -22.74 -22.68
C ALA D 113 4.12 -22.68 -22.00
N LEU D 114 3.53 -23.86 -21.77
CA LEU D 114 2.24 -23.97 -21.12
C LEU D 114 2.38 -24.53 -19.71
N ARG D 115 1.60 -24.00 -18.78
CA ARG D 115 1.64 -24.44 -17.38
C ARG D 115 1.19 -25.88 -17.24
N ALA D 116 1.97 -26.67 -16.51
CA ALA D 116 1.67 -28.08 -16.30
C ALA D 116 0.50 -28.24 -15.31
#